data_7CYB
#
_entry.id   7CYB
#
_cell.length_a   33.407
_cell.length_b   58.913
_cell.length_c   40.701
_cell.angle_alpha   90.000
_cell.angle_beta   113.340
_cell.angle_gamma   90.000
#
_symmetry.space_group_name_H-M   'P 1 21 1'
#
loop_
_entity.id
_entity.type
_entity.pdbx_description
1 polymer Galectin
2 non-polymer GLYCEROL
3 water water
#
_entity_poly.entity_id   1
_entity_poly.type   'polypeptide(L)'
_entity_poly.pdbx_seq_one_letter_code
;GSHMSSLPVPYKLPVSLSTGACVIIKGRPKLSFINDPQLQVDFYTGTDEDSDIAFHFRVHFGHRVVMNSLEFGVWKLEEK
IHYVPFEDGEPFELRIYVRHSEYEVKVNGQYIYGFAHRHPPSYVKMIQVWRDVSLTSVCVYN
;
_entity_poly.pdbx_strand_id   A
#
# COMPACT_ATOMS: atom_id res chain seq x y z
N MET A 4 -17.01 9.73 8.89
CA MET A 4 -16.99 10.26 7.52
C MET A 4 -16.11 11.51 7.40
N SER A 5 -15.30 11.78 8.44
CA SER A 5 -14.12 12.61 8.21
C SER A 5 -13.18 11.92 7.24
N SER A 6 -12.32 12.70 6.59
CA SER A 6 -11.44 12.10 5.61
C SER A 6 -10.19 12.92 5.38
N LEU A 7 -9.20 12.24 4.90
CA LEU A 7 -7.95 12.81 4.39
C LEU A 7 -8.07 13.12 2.92
N PRO A 8 -7.26 14.05 2.41
CA PRO A 8 -7.19 14.25 0.96
C PRO A 8 -6.64 13.00 0.27
N VAL A 9 -7.15 12.77 -0.94
CA VAL A 9 -6.69 11.65 -1.75
C VAL A 9 -6.44 12.21 -3.15
N PRO A 10 -5.26 11.98 -3.74
CA PRO A 10 -4.09 11.25 -3.22
C PRO A 10 -3.53 11.81 -1.93
N TYR A 11 -3.09 10.91 -1.06
CA TYR A 11 -2.48 11.29 0.21
C TYR A 11 -0.98 10.97 0.13
N LYS A 12 -0.16 11.97 0.40
CA LYS A 12 1.29 11.79 0.33
C LYS A 12 1.87 12.16 1.68
N LEU A 13 2.68 11.26 2.25
CA LEU A 13 3.34 11.67 3.46
C LEU A 13 4.80 11.24 3.44
N PRO A 14 5.67 12.10 3.92
CA PRO A 14 7.09 11.75 4.04
C PRO A 14 7.26 10.72 5.13
N VAL A 15 8.20 9.80 4.92
CA VAL A 15 8.42 8.73 5.87
C VAL A 15 9.89 8.42 5.98
N SER A 16 10.24 7.76 7.08
CA SER A 16 11.52 7.13 7.27
C SER A 16 11.24 5.75 7.82
N LEU A 17 11.62 4.70 7.07
CA LEU A 17 11.30 3.33 7.40
C LEU A 17 12.56 2.57 7.84
N SER A 18 12.42 1.83 8.93
CA SER A 18 13.46 1.01 9.52
C SER A 18 12.83 -0.31 9.95
N THR A 19 13.65 -1.34 10.12
CA THR A 19 13.14 -2.59 10.64
C THR A 19 12.39 -2.32 11.94
N GLY A 20 11.19 -2.85 12.04
CA GLY A 20 10.31 -2.61 13.16
C GLY A 20 9.23 -1.59 12.91
N ALA A 21 9.34 -0.82 11.85
CA ALA A 21 8.31 0.17 11.55
C ALA A 21 7.03 -0.52 11.09
N CYS A 22 5.91 0.19 11.26
CA CYS A 22 4.61 -0.31 10.84
C CYS A 22 3.81 0.83 10.22
N VAL A 23 3.39 0.64 8.97
CA VAL A 23 2.53 1.58 8.27
C VAL A 23 1.09 1.10 8.44
N ILE A 24 0.20 1.94 8.97
CA ILE A 24 -1.20 1.55 9.15
C ILE A 24 -2.08 2.50 8.35
N ILE A 25 -2.94 1.95 7.49
CA ILE A 25 -3.76 2.69 6.56
C ILE A 25 -5.20 2.25 6.78
N LYS A 26 -6.08 3.21 7.07
CA LYS A 26 -7.48 2.94 7.35
C LYS A 26 -8.34 3.79 6.43
N GLY A 27 -9.37 3.18 5.88
CA GLY A 27 -10.22 3.87 4.94
C GLY A 27 -11.29 2.94 4.43
N ARG A 28 -11.97 3.37 3.37
CA ARG A 28 -13.06 2.63 2.78
C ARG A 28 -13.00 2.76 1.27
N PRO A 29 -13.35 1.72 0.52
CA PRO A 29 -13.53 1.92 -0.92
C PRO A 29 -14.65 2.92 -1.15
N LYS A 30 -14.46 3.76 -2.14
CA LYS A 30 -15.35 4.88 -2.36
C LYS A 30 -16.48 4.53 -3.31
N LEU A 31 -16.36 3.42 -4.02
CA LEU A 31 -17.37 2.89 -4.92
C LEU A 31 -17.61 1.44 -4.56
N SER A 32 -18.78 0.94 -4.90
CA SER A 32 -19.08 -0.47 -4.73
C SER A 32 -18.23 -1.31 -5.70
N PHE A 33 -18.01 -2.57 -5.35
CA PHE A 33 -17.10 -3.42 -6.10
C PHE A 33 -17.52 -3.56 -7.57
N ILE A 34 -18.81 -3.47 -7.88
CA ILE A 34 -19.23 -3.67 -9.26
C ILE A 34 -18.72 -2.56 -10.17
N ASN A 35 -18.25 -1.45 -9.60
CA ASN A 35 -17.63 -0.38 -10.36
C ASN A 35 -16.11 -0.54 -10.48
N ASP A 36 -15.56 -1.69 -10.10
CA ASP A 36 -14.13 -1.96 -10.18
C ASP A 36 -13.27 -0.86 -9.54
N PRO A 37 -13.55 -0.48 -8.30
CA PRO A 37 -12.69 0.49 -7.62
C PRO A 37 -11.34 -0.12 -7.33
N GLN A 38 -10.35 0.76 -7.14
CA GLN A 38 -8.99 0.35 -6.83
C GLN A 38 -8.48 1.12 -5.63
N LEU A 39 -7.45 0.55 -5.00
CA LEU A 39 -6.64 1.18 -3.98
C LEU A 39 -5.19 1.01 -4.39
N GLN A 40 -4.38 2.06 -4.29
CA GLN A 40 -2.96 1.92 -4.58
C GLN A 40 -2.13 2.56 -3.48
N VAL A 41 -1.11 1.84 -3.06
CA VAL A 41 -0.16 2.27 -2.04
C VAL A 41 1.24 2.13 -2.64
N ASP A 42 1.99 3.24 -2.73
CA ASP A 42 3.31 3.25 -3.35
C ASP A 42 4.34 3.78 -2.35
N PHE A 43 5.39 3.01 -2.13
CA PHE A 43 6.53 3.39 -1.30
C PHE A 43 7.61 3.93 -2.23
N TYR A 44 7.67 5.25 -2.36
CA TYR A 44 8.59 5.93 -3.28
C TYR A 44 9.97 6.09 -2.65
N THR A 45 11.01 5.97 -3.48
CA THR A 45 12.40 6.18 -3.04
C THR A 45 12.89 7.58 -3.36
N GLY A 46 11.97 8.48 -3.62
CA GLY A 46 12.27 9.88 -3.84
C GLY A 46 11.03 10.71 -3.60
N THR A 47 11.25 12.02 -3.52
CA THR A 47 10.20 13.00 -3.37
C THR A 47 9.72 13.54 -4.71
N ASP A 48 10.47 13.28 -5.78
CA ASP A 48 10.09 13.72 -7.11
C ASP A 48 9.02 12.81 -7.73
N GLU A 49 8.30 13.37 -8.69
CA GLU A 49 7.20 12.66 -9.31
C GLU A 49 7.68 11.46 -10.13
N ASP A 50 8.88 11.53 -10.68
CA ASP A 50 9.46 10.45 -11.47
C ASP A 50 10.26 9.47 -10.63
N SER A 51 10.06 9.46 -9.32
CA SER A 51 10.87 8.60 -8.47
C SER A 51 10.45 7.14 -8.64
N ASP A 52 11.39 6.26 -8.36
CA ASP A 52 11.15 4.83 -8.35
C ASP A 52 10.30 4.44 -7.14
N ILE A 53 9.75 3.23 -7.21
CA ILE A 53 8.83 2.69 -6.22
C ILE A 53 9.40 1.36 -5.72
N ALA A 54 9.80 1.32 -4.44
CA ALA A 54 10.34 0.09 -3.89
C ALA A 54 9.27 -0.94 -3.61
N PHE A 55 8.06 -0.51 -3.31
CA PHE A 55 6.95 -1.42 -3.01
C PHE A 55 5.67 -0.75 -3.48
N HIS A 56 4.97 -1.42 -4.38
CA HIS A 56 3.71 -0.99 -4.97
C HIS A 56 2.70 -2.05 -4.59
N PHE A 57 1.60 -1.64 -3.97
CA PHE A 57 0.54 -2.53 -3.51
C PHE A 57 -0.76 -2.00 -4.11
N ARG A 58 -1.37 -2.76 -5.01
CA ARG A 58 -2.54 -2.27 -5.75
C ARG A 58 -3.67 -3.28 -5.62
N VAL A 59 -4.78 -2.83 -5.05
CA VAL A 59 -5.98 -3.64 -4.86
C VAL A 59 -6.95 -3.33 -5.98
N HIS A 60 -7.22 -4.33 -6.80
CA HIS A 60 -8.33 -4.33 -7.75
C HIS A 60 -9.48 -4.97 -6.97
N PHE A 61 -10.21 -4.15 -6.23
CA PHE A 61 -11.24 -4.66 -5.33
C PHE A 61 -12.17 -5.65 -6.05
N GLY A 62 -12.40 -6.80 -5.43
CA GLY A 62 -13.24 -7.83 -6.00
C GLY A 62 -12.58 -8.70 -7.05
N HIS A 63 -11.33 -8.43 -7.41
CA HIS A 63 -10.64 -9.18 -8.45
C HIS A 63 -9.32 -9.77 -8.00
N ARG A 64 -8.38 -8.94 -7.54
CA ARG A 64 -7.04 -9.41 -7.21
C ARG A 64 -6.28 -8.29 -6.54
N VAL A 65 -5.18 -8.65 -5.92
CA VAL A 65 -4.16 -7.73 -5.41
C VAL A 65 -2.87 -8.01 -6.16
N VAL A 66 -2.20 -6.95 -6.62
CA VAL A 66 -0.91 -7.10 -7.26
C VAL A 66 0.12 -6.25 -6.52
N MET A 67 1.33 -6.75 -6.47
CA MET A 67 2.46 -6.03 -5.89
C MET A 67 3.62 -6.03 -6.87
N ASN A 68 4.44 -4.99 -6.81
CA ASN A 68 5.55 -4.88 -7.76
C ASN A 68 6.48 -3.78 -7.27
N SER A 69 7.50 -3.48 -8.08
CA SER A 69 8.39 -2.36 -7.88
C SER A 69 8.54 -1.69 -9.25
N LEU A 70 8.86 -0.39 -9.22
CA LEU A 70 9.16 0.39 -10.42
C LEU A 70 10.61 0.79 -10.30
N GLU A 71 11.45 0.30 -11.23
CA GLU A 71 12.90 0.41 -11.14
C GLU A 71 13.41 0.98 -12.45
N PHE A 72 14.06 2.13 -12.38
CA PHE A 72 14.44 2.88 -13.58
C PHE A 72 13.27 2.98 -14.56
N GLY A 73 12.08 3.25 -14.02
CA GLY A 73 10.91 3.46 -14.86
C GLY A 73 10.28 2.21 -15.44
N VAL A 74 10.61 1.04 -14.93
CA VAL A 74 10.12 -0.21 -15.49
C VAL A 74 9.46 -1.00 -14.36
N TRP A 75 8.25 -1.47 -14.60
CA TRP A 75 7.62 -2.39 -13.65
C TRP A 75 8.34 -3.73 -13.74
N LYS A 76 8.67 -4.28 -12.58
CA LYS A 76 9.42 -5.53 -12.52
C LYS A 76 8.47 -6.72 -12.36
N LEU A 77 8.85 -7.75 -11.62
CA LEU A 77 8.03 -8.96 -11.58
C LEU A 77 6.77 -8.72 -10.74
N GLU A 78 5.60 -8.93 -11.35
CA GLU A 78 4.35 -8.79 -10.63
C GLU A 78 4.13 -10.01 -9.73
N GLU A 79 3.78 -9.73 -8.48
CA GLU A 79 3.37 -10.73 -7.49
C GLU A 79 1.89 -10.53 -7.26
N LYS A 80 1.12 -11.61 -7.34
CA LYS A 80 -0.32 -11.52 -7.33
C LYS A 80 -0.89 -12.38 -6.22
N ILE A 81 -1.96 -11.87 -5.61
CA ILE A 81 -2.82 -12.63 -4.70
C ILE A 81 -4.22 -12.59 -5.29
N HIS A 82 -4.82 -13.76 -5.42
CA HIS A 82 -6.15 -13.89 -6.00
C HIS A 82 -7.22 -13.31 -5.07
N TYR A 83 -7.24 -13.78 -3.82
CA TYR A 83 -8.25 -13.41 -2.84
C TYR A 83 -7.62 -12.75 -1.63
N VAL A 84 -8.11 -11.56 -1.29
CA VAL A 84 -7.70 -10.84 -0.08
C VAL A 84 -9.01 -10.34 0.54
N PRO A 85 -9.20 -10.50 1.84
CA PRO A 85 -10.51 -10.30 2.48
C PRO A 85 -10.91 -8.84 2.75
N PHE A 86 -10.87 -8.02 1.70
CA PHE A 86 -11.57 -6.73 1.72
C PHE A 86 -13.06 -6.97 1.47
N GLU A 87 -13.91 -6.29 2.24
CA GLU A 87 -15.36 -6.42 2.12
C GLU A 87 -15.96 -5.21 1.41
N ASP A 88 -16.91 -5.48 0.52
CA ASP A 88 -17.57 -4.46 -0.28
C ASP A 88 -18.29 -3.47 0.61
N GLY A 89 -17.94 -2.19 0.50
CA GLY A 89 -18.61 -1.12 1.20
C GLY A 89 -18.15 -0.89 2.64
N GLU A 90 -17.23 -1.68 3.13
CA GLU A 90 -16.86 -1.65 4.53
C GLU A 90 -15.54 -0.93 4.73
N PRO A 91 -15.31 -0.38 5.93
CA PRO A 91 -13.97 0.11 6.24
C PRO A 91 -13.00 -1.03 6.36
N PHE A 92 -11.75 -0.75 5.97
CA PHE A 92 -10.68 -1.71 6.05
C PHE A 92 -9.52 -1.12 6.86
N GLU A 93 -8.67 -2.02 7.31
CA GLU A 93 -7.41 -1.69 7.94
C GLU A 93 -6.34 -2.49 7.23
N LEU A 94 -5.32 -1.78 6.72
CA LEU A 94 -4.18 -2.34 6.04
C LEU A 94 -2.95 -1.98 6.86
N ARG A 95 -2.17 -2.99 7.26
CA ARG A 95 -0.90 -2.79 7.95
C ARG A 95 0.23 -3.33 7.10
N ILE A 96 1.34 -2.60 7.06
CA ILE A 96 2.55 -3.01 6.36
C ILE A 96 3.68 -2.88 7.37
N TYR A 97 4.19 -4.01 7.86
CA TYR A 97 5.30 -4.05 8.80
C TYR A 97 6.61 -4.20 8.04
N VAL A 98 7.61 -3.41 8.44
CA VAL A 98 8.91 -3.39 7.81
C VAL A 98 9.79 -4.37 8.59
N ARG A 99 10.00 -5.55 8.04
CA ARG A 99 10.87 -6.53 8.65
C ARG A 99 12.22 -6.56 7.94
N HIS A 100 13.16 -7.31 8.52
CA HIS A 100 14.51 -7.33 7.96
C HIS A 100 14.52 -7.77 6.49
N SER A 101 13.76 -8.81 6.17
CA SER A 101 13.83 -9.40 4.85
C SER A 101 12.61 -9.14 3.98
N GLU A 102 11.52 -8.62 4.54
CA GLU A 102 10.29 -8.48 3.78
C GLU A 102 9.41 -7.45 4.45
N TYR A 103 8.43 -6.97 3.69
CA TYR A 103 7.26 -6.29 4.23
C TYR A 103 6.22 -7.36 4.53
N GLU A 104 5.66 -7.32 5.74
CA GLU A 104 4.56 -8.20 6.13
C GLU A 104 3.26 -7.42 6.04
N VAL A 105 2.34 -7.89 5.20
CA VAL A 105 1.07 -7.21 4.94
C VAL A 105 -0.03 -7.90 5.74
N LYS A 106 -0.76 -7.12 6.51
CA LYS A 106 -1.94 -7.59 7.23
C LYS A 106 -3.16 -6.81 6.72
N VAL A 107 -4.29 -7.49 6.58
CA VAL A 107 -5.55 -6.84 6.25
C VAL A 107 -6.64 -7.37 7.18
N ASN A 108 -7.33 -6.44 7.86
CA ASN A 108 -8.53 -6.77 8.63
C ASN A 108 -8.28 -7.95 9.56
N GLY A 109 -7.15 -7.93 10.25
CA GLY A 109 -6.90 -8.94 11.25
C GLY A 109 -6.35 -10.24 10.72
N GLN A 110 -6.00 -10.30 9.43
CA GLN A 110 -5.47 -11.49 8.81
C GLN A 110 -4.09 -11.21 8.24
N TYR A 111 -3.18 -12.18 8.39
CA TYR A 111 -1.88 -12.11 7.72
C TYR A 111 -2.08 -12.49 6.26
N ILE A 112 -1.61 -11.63 5.35
CA ILE A 112 -1.89 -11.76 3.93
C ILE A 112 -0.66 -12.18 3.12
N TYR A 113 0.52 -11.63 3.42
CA TYR A 113 1.65 -11.75 2.49
C TYR A 113 2.94 -11.24 3.10
N GLY A 114 4.05 -11.87 2.71
CA GLY A 114 5.37 -11.33 2.94
C GLY A 114 6.06 -11.03 1.63
N PHE A 115 6.29 -9.74 1.35
CA PHE A 115 6.89 -9.29 0.09
C PHE A 115 8.38 -9.11 0.33
N ALA A 116 9.20 -9.97 -0.28
CA ALA A 116 10.64 -9.88 -0.12
C ALA A 116 11.16 -8.54 -0.62
N HIS A 117 12.00 -7.90 0.18
CA HIS A 117 12.55 -6.61 -0.22
C HIS A 117 13.33 -6.71 -1.52
N ARG A 118 13.10 -5.75 -2.39
CA ARG A 118 13.89 -5.60 -3.61
C ARG A 118 14.88 -4.45 -3.52
N HIS A 119 14.69 -3.56 -2.56
CA HIS A 119 15.48 -2.37 -2.27
C HIS A 119 15.47 -2.20 -0.77
N PRO A 120 16.51 -1.63 -0.18
CA PRO A 120 16.47 -1.41 1.28
C PRO A 120 15.36 -0.45 1.66
N PRO A 121 14.55 -0.78 2.67
CA PRO A 121 13.50 0.16 3.12
C PRO A 121 14.02 1.51 3.54
N SER A 122 15.30 1.61 3.93
CA SER A 122 15.90 2.88 4.31
C SER A 122 15.87 3.90 3.18
N TYR A 123 15.71 3.44 1.93
CA TYR A 123 15.64 4.37 0.82
C TYR A 123 14.24 4.88 0.54
N VAL A 124 13.21 4.40 1.24
CA VAL A 124 11.87 4.91 1.03
C VAL A 124 11.74 6.28 1.68
N LYS A 125 11.25 7.25 0.91
CA LYS A 125 11.16 8.64 1.35
C LYS A 125 9.73 9.14 1.49
N MET A 126 8.77 8.55 0.79
CA MET A 126 7.40 9.04 0.76
C MET A 126 6.48 7.86 0.47
N ILE A 127 5.30 7.87 1.10
CA ILE A 127 4.25 6.91 0.82
C ILE A 127 3.07 7.65 0.23
N GLN A 128 2.56 7.17 -0.90
CA GLN A 128 1.38 7.72 -1.53
C GLN A 128 0.25 6.70 -1.49
N VAL A 129 -0.91 7.10 -0.99
CA VAL A 129 -2.11 6.28 -0.96
C VAL A 129 -3.16 6.96 -1.83
N TRP A 130 -3.74 6.23 -2.78
CA TRP A 130 -4.60 6.89 -3.75
C TRP A 130 -5.51 5.92 -4.48
N ARG A 131 -6.28 6.49 -5.41
CA ARG A 131 -7.32 5.88 -6.25
C ARG A 131 -8.63 5.91 -5.48
N ASP A 132 -9.47 4.87 -5.62
CA ASP A 132 -10.89 4.98 -5.31
C ASP A 132 -11.17 4.66 -3.85
N VAL A 133 -10.54 5.41 -2.97
CA VAL A 133 -10.77 5.22 -1.55
C VAL A 133 -11.02 6.55 -0.87
N SER A 134 -11.80 6.48 0.20
CA SER A 134 -11.82 7.52 1.22
C SER A 134 -10.95 7.03 2.35
N LEU A 135 -10.12 7.92 2.87
CA LEU A 135 -9.11 7.57 3.84
C LEU A 135 -9.45 8.26 5.13
N THR A 136 -9.32 7.53 6.24
CA THR A 136 -9.47 8.15 7.55
C THR A 136 -8.15 8.35 8.28
N SER A 137 -7.13 7.53 8.02
CA SER A 137 -5.82 7.77 8.62
C SER A 137 -4.72 6.98 7.91
N VAL A 138 -3.52 7.56 7.94
CA VAL A 138 -2.30 6.94 7.43
C VAL A 138 -1.21 7.28 8.45
N CYS A 139 -0.78 6.27 9.22
CA CYS A 139 0.14 6.41 10.36
C CYS A 139 1.37 5.55 10.11
N VAL A 140 2.56 6.05 10.49
CA VAL A 140 3.76 5.24 10.57
C VAL A 140 4.21 5.19 12.01
N TYR A 141 4.30 3.98 12.57
CA TYR A 141 4.83 3.74 13.90
C TYR A 141 6.29 3.30 13.83
N ASN A 142 7.10 3.82 14.76
CA ASN A 142 8.49 3.40 14.89
C ASN A 142 9.24 3.71 13.60
#